data_3JYL
#
_entry.id   3JYL
#
_cell.length_a   63.560
_cell.length_b   63.560
_cell.length_c   130.149
_cell.angle_alpha   90.00
_cell.angle_beta   90.00
_cell.angle_gamma   120.00
#
_symmetry.space_group_name_H-M   'P 31 2 1'
#
loop_
_entity.id
_entity.type
_entity.pdbx_description
1 polymer 'Quinone oxidoreductase'
2 water water
#
_entity_poly.entity_id   1
_entity_poly.type   'polypeptide(L)'
_entity_poly.pdbx_seq_one_letter_code
;MAKRIQFSTVGGPEVLEYVDFEPEAPGPQAVVVRNKAIGLNFIDTYYRSGLYPAPFLPSGLGAEGAGVVEAVGDEVTRFK
VGDRVAYGTGPLGAYSEVHVLPEANLVKLADSVSFEQAAALMLKGLTVQYLLRQTYQVKPGEIILFHAAAGGVGSLACQW
AKALGAKLIGTVSSPEKAAHAKALGAWETIDYSHEDVAKRVLELTDGKKCPVVYDGVGQDTWLTSLDSVAPRGLVVSFGN
ASGPVSGVNLGILAQKDSVYVTRPTLGSYANNAQNLQTMADELFDMLASGKLKVDGIEQYALKDAAKAQIELSARRTTGS
TILIP
;
_entity_poly.pdbx_strand_id   A
#
# COMPACT_ATOMS: atom_id res chain seq x y z
N MET A 1 -15.93 -23.34 -13.08
CA MET A 1 -15.52 -23.16 -11.65
C MET A 1 -14.04 -22.83 -11.48
N ALA A 2 -13.73 -22.20 -10.35
CA ALA A 2 -12.37 -21.83 -9.98
C ALA A 2 -12.32 -21.57 -8.48
N LYS A 3 -11.13 -21.59 -7.91
CA LYS A 3 -10.97 -21.40 -6.46
C LYS A 3 -10.78 -19.94 -6.09
N ARG A 4 -11.25 -19.56 -4.91
CA ARG A 4 -11.09 -18.20 -4.41
C ARG A 4 -11.18 -18.15 -2.90
N ILE A 5 -10.56 -17.13 -2.28
CA ILE A 5 -10.74 -16.89 -0.86
C ILE A 5 -11.95 -15.97 -0.72
N GLN A 6 -12.81 -16.24 0.24
CA GLN A 6 -13.97 -15.40 0.48
C GLN A 6 -14.43 -15.49 1.92
N PHE A 7 -15.20 -14.51 2.37
CA PHE A 7 -15.77 -14.56 3.70
C PHE A 7 -17.28 -14.33 3.62
N SER A 8 -18.03 -15.02 4.48
CA SER A 8 -19.49 -14.91 4.55
C SER A 8 -19.92 -14.03 5.71
N THR A 9 -18.96 -13.72 6.58
CA THR A 9 -19.20 -12.89 7.74
C THR A 9 -17.91 -12.13 8.02
N VAL A 10 -18.00 -10.89 8.46
CA VAL A 10 -16.79 -10.13 8.74
C VAL A 10 -16.26 -10.49 10.10
N GLY A 11 -14.94 -10.42 10.26
CA GLY A 11 -14.32 -10.76 11.53
C GLY A 11 -12.83 -10.96 11.36
N GLY A 12 -12.27 -11.91 12.10
CA GLY A 12 -10.85 -12.20 12.04
C GLY A 12 -10.48 -13.19 10.96
N PRO A 13 -9.19 -13.58 10.89
CA PRO A 13 -8.69 -14.53 9.90
C PRO A 13 -9.47 -15.84 9.76
N GLU A 14 -10.10 -16.30 10.83
CA GLU A 14 -10.82 -17.57 10.80
C GLU A 14 -12.03 -17.44 9.84
N VAL A 15 -12.40 -16.20 9.55
CA VAL A 15 -13.45 -15.86 8.60
C VAL A 15 -13.25 -16.35 7.16
N LEU A 16 -12.00 -16.28 6.69
CA LEU A 16 -11.66 -16.63 5.31
C LEU A 16 -11.88 -18.11 4.97
N GLU A 17 -12.40 -18.35 3.76
CA GLU A 17 -12.64 -19.71 3.29
C GLU A 17 -12.13 -19.86 1.86
N TYR A 18 -11.52 -21.00 1.58
CA TYR A 18 -11.01 -21.29 0.25
C TYR A 18 -12.03 -22.23 -0.42
N VAL A 19 -12.73 -21.74 -1.43
CA VAL A 19 -13.75 -22.56 -2.10
C VAL A 19 -13.92 -22.29 -3.59
N ASP A 20 -14.69 -23.15 -4.23
CA ASP A 20 -15.03 -23.01 -5.65
C ASP A 20 -16.06 -21.92 -5.87
N PHE A 21 -15.97 -21.20 -6.98
CA PHE A 21 -16.97 -20.19 -7.25
C PHE A 21 -17.12 -20.08 -8.77
N GLU A 22 -18.25 -19.53 -9.21
CA GLU A 22 -18.54 -19.35 -10.63
C GLU A 22 -18.12 -17.96 -11.05
N PRO A 23 -17.05 -17.87 -11.86
CA PRO A 23 -16.54 -16.59 -12.34
C PRO A 23 -17.56 -15.90 -13.25
N GLU A 24 -17.76 -14.61 -13.04
CA GLU A 24 -18.73 -13.83 -13.83
C GLU A 24 -18.26 -13.65 -15.28
N ALA A 25 -19.23 -13.49 -16.18
CA ALA A 25 -18.93 -13.26 -17.58
C ALA A 25 -18.49 -11.81 -17.64
N PRO A 26 -17.48 -11.49 -18.45
CA PRO A 26 -16.99 -10.11 -18.57
C PRO A 26 -17.97 -9.09 -19.14
N GLY A 27 -18.22 -8.03 -18.38
CA GLY A 27 -19.11 -6.98 -18.83
C GLY A 27 -18.50 -6.35 -20.07
N PRO A 28 -19.23 -5.50 -20.77
CA PRO A 28 -18.73 -4.85 -21.98
C PRO A 28 -17.36 -4.19 -21.84
N GLN A 29 -17.14 -3.54 -20.71
CA GLN A 29 -15.88 -2.83 -20.48
C GLN A 29 -15.00 -3.52 -19.42
N ALA A 30 -15.25 -4.80 -19.18
CA ALA A 30 -14.50 -5.54 -18.15
C ALA A 30 -13.49 -6.49 -18.76
N VAL A 31 -12.54 -6.91 -17.95
CA VAL A 31 -11.48 -7.81 -18.36
C VAL A 31 -11.33 -9.00 -17.41
N VAL A 32 -11.14 -10.20 -17.98
CA VAL A 32 -10.97 -11.38 -17.14
C VAL A 32 -9.48 -11.67 -17.02
N VAL A 33 -8.99 -11.74 -15.78
CA VAL A 33 -7.57 -11.95 -15.53
C VAL A 33 -7.27 -13.32 -14.93
N ARG A 34 -6.09 -13.83 -15.24
CA ARG A 34 -5.64 -15.12 -14.70
C ARG A 34 -4.53 -14.89 -13.68
N ASN A 35 -4.92 -14.56 -12.45
CA ASN A 35 -3.98 -14.25 -11.39
C ASN A 35 -2.78 -15.20 -11.32
N LYS A 36 -1.60 -14.67 -11.59
CA LYS A 36 -0.37 -15.42 -11.46
C LYS A 36 0.29 -15.14 -10.11
N ALA A 37 0.03 -13.95 -9.58
CA ALA A 37 0.53 -13.51 -8.27
C ALA A 37 -0.55 -12.59 -7.74
N ILE A 38 -0.76 -12.62 -6.42
CA ILE A 38 -1.79 -11.83 -5.78
C ILE A 38 -1.19 -11.02 -4.63
N GLY A 39 -1.61 -9.77 -4.52
CA GLY A 39 -1.06 -8.93 -3.48
C GLY A 39 -1.67 -9.15 -2.12
N LEU A 40 -0.88 -8.82 -1.11
CA LEU A 40 -1.30 -8.92 0.29
C LEU A 40 -1.22 -7.50 0.86
N ASN A 41 -2.32 -6.98 1.40
CA ASN A 41 -2.34 -5.63 1.95
C ASN A 41 -3.19 -5.50 3.22
N PHE A 42 -2.94 -4.44 3.98
CA PHE A 42 -3.70 -4.13 5.19
C PHE A 42 -5.17 -3.90 4.87
N ILE A 43 -5.40 -3.33 3.71
CA ILE A 43 -6.73 -3.03 3.21
C ILE A 43 -7.55 -4.33 3.17
N ASP A 44 -6.90 -5.44 2.88
CA ASP A 44 -7.56 -6.75 2.79
C ASP A 44 -8.14 -7.10 4.17
N THR A 45 -7.37 -6.80 5.23
CA THR A 45 -7.83 -7.12 6.59
C THR A 45 -8.95 -6.18 7.03
N TYR A 46 -8.91 -4.94 6.56
CA TYR A 46 -9.92 -3.95 6.91
C TYR A 46 -11.29 -4.34 6.34
N TYR A 47 -11.29 -4.93 5.14
CA TYR A 47 -12.53 -5.46 4.57
C TYR A 47 -12.98 -6.72 5.27
N ARG A 48 -12.00 -7.56 5.58
CA ARG A 48 -12.27 -8.83 6.23
C ARG A 48 -12.86 -8.60 7.61
N SER A 49 -12.39 -7.56 8.29
CA SER A 49 -12.87 -7.24 9.63
C SER A 49 -14.15 -6.44 9.70
N GLY A 50 -14.48 -5.76 8.61
CA GLY A 50 -15.67 -4.94 8.60
C GLY A 50 -15.42 -3.45 8.80
N LEU A 51 -14.16 -3.03 8.89
CA LEU A 51 -13.84 -1.61 9.03
C LEU A 51 -14.42 -0.94 7.80
N TYR A 52 -14.31 -1.63 6.67
CA TYR A 52 -14.86 -1.14 5.42
C TYR A 52 -15.92 -2.16 5.03
N PRO A 53 -17.09 -1.70 4.54
CA PRO A 53 -18.16 -2.62 4.16
C PRO A 53 -17.98 -3.30 2.79
N ALA A 54 -18.55 -4.50 2.68
CA ALA A 54 -18.51 -5.23 1.43
C ALA A 54 -19.91 -5.09 0.83
N PRO A 55 -20.02 -4.91 -0.48
CA PRO A 55 -21.37 -4.77 -1.06
C PRO A 55 -22.30 -5.95 -0.75
N PHE A 56 -21.72 -7.12 -0.55
CA PHE A 56 -22.53 -8.29 -0.26
C PHE A 56 -21.73 -9.49 0.24
N LEU A 57 -22.43 -10.45 0.82
CA LEU A 57 -21.81 -11.67 1.33
C LEU A 57 -22.42 -12.92 0.70
N PRO A 58 -21.59 -13.94 0.42
CA PRO A 58 -20.14 -13.97 0.63
C PRO A 58 -19.41 -12.99 -0.28
N SER A 59 -18.30 -12.45 0.23
CA SER A 59 -17.51 -11.47 -0.51
C SER A 59 -16.08 -11.94 -0.81
N GLY A 60 -15.58 -11.56 -1.98
CA GLY A 60 -14.22 -11.92 -2.34
C GLY A 60 -13.31 -10.92 -1.62
N LEU A 61 -12.01 -10.95 -1.89
CA LEU A 61 -11.07 -10.05 -1.23
C LEU A 61 -9.93 -9.56 -2.09
N GLY A 62 -9.31 -8.46 -1.67
CA GLY A 62 -8.17 -7.92 -2.38
C GLY A 62 -8.43 -7.25 -3.72
N ALA A 63 -7.61 -6.24 -4.03
CA ALA A 63 -7.71 -5.50 -5.27
C ALA A 63 -6.35 -5.28 -5.92
N GLU A 64 -5.38 -6.10 -5.52
CA GLU A 64 -4.04 -6.08 -6.08
C GLU A 64 -3.64 -7.44 -6.63
N GLY A 65 -3.15 -7.46 -7.86
CA GLY A 65 -2.74 -8.71 -8.44
C GLY A 65 -2.19 -8.52 -9.83
N ALA A 66 -1.69 -9.61 -10.41
CA ALA A 66 -1.12 -9.56 -11.74
C ALA A 66 -1.35 -10.90 -12.43
N GLY A 67 -1.58 -10.87 -13.74
CA GLY A 67 -1.82 -12.11 -14.47
C GLY A 67 -1.92 -11.91 -15.96
N VAL A 68 -2.53 -12.87 -16.62
CA VAL A 68 -2.68 -12.86 -18.06
C VAL A 68 -4.15 -12.67 -18.40
N VAL A 69 -4.44 -11.86 -19.42
CA VAL A 69 -5.83 -11.61 -19.82
C VAL A 69 -6.39 -12.87 -20.48
N GLU A 70 -7.51 -13.34 -19.96
CA GLU A 70 -8.15 -14.55 -20.48
C GLU A 70 -9.37 -14.29 -21.34
N ALA A 71 -10.09 -13.22 -21.03
CA ALA A 71 -11.28 -12.81 -21.78
C ALA A 71 -11.41 -11.31 -21.71
N VAL A 72 -12.10 -10.74 -22.69
CA VAL A 72 -12.25 -9.30 -22.75
C VAL A 72 -13.69 -8.92 -23.15
N GLY A 73 -14.15 -7.78 -22.68
CA GLY A 73 -15.48 -7.33 -23.00
C GLY A 73 -15.54 -6.90 -24.46
N ASP A 74 -16.74 -6.88 -25.03
CA ASP A 74 -16.93 -6.48 -26.42
C ASP A 74 -16.43 -5.08 -26.72
N GLU A 75 -16.50 -4.19 -25.73
CA GLU A 75 -16.05 -2.82 -25.90
C GLU A 75 -14.62 -2.54 -25.47
N VAL A 76 -13.91 -3.56 -25.02
CA VAL A 76 -12.55 -3.36 -24.58
C VAL A 76 -11.63 -3.39 -25.80
N THR A 77 -10.82 -2.34 -25.93
CA THR A 77 -9.90 -2.25 -27.06
C THR A 77 -8.44 -2.16 -26.61
N ARG A 78 -8.23 -1.66 -25.39
CA ARG A 78 -6.88 -1.46 -24.86
C ARG A 78 -6.19 -2.78 -24.56
N PHE A 79 -6.97 -3.80 -24.22
CA PHE A 79 -6.40 -5.10 -23.88
C PHE A 79 -6.89 -6.22 -24.78
N LYS A 80 -6.16 -7.32 -24.78
CA LYS A 80 -6.55 -8.47 -25.57
C LYS A 80 -6.08 -9.76 -24.89
N VAL A 81 -6.67 -10.88 -25.26
CA VAL A 81 -6.33 -12.17 -24.65
C VAL A 81 -4.82 -12.41 -24.73
N GLY A 82 -4.26 -12.85 -23.61
CA GLY A 82 -2.84 -13.13 -23.54
C GLY A 82 -1.98 -12.00 -23.00
N ASP A 83 -2.52 -10.79 -22.94
CA ASP A 83 -1.78 -9.66 -22.40
C ASP A 83 -1.41 -9.87 -20.95
N ARG A 84 -0.20 -9.45 -20.58
CA ARG A 84 0.25 -9.59 -19.20
C ARG A 84 -0.11 -8.26 -18.54
N VAL A 85 -0.93 -8.34 -17.50
CA VAL A 85 -1.43 -7.14 -16.82
C VAL A 85 -1.29 -7.18 -15.30
N ALA A 86 -1.37 -6.00 -14.70
CA ALA A 86 -1.30 -5.85 -13.25
C ALA A 86 -2.32 -4.81 -12.80
N TYR A 87 -2.74 -4.90 -11.54
CA TYR A 87 -3.69 -3.95 -10.99
C TYR A 87 -3.51 -3.79 -9.50
N GLY A 88 -3.84 -2.60 -9.01
CA GLY A 88 -3.72 -2.30 -7.59
C GLY A 88 -4.96 -1.59 -7.06
N THR A 89 -5.99 -1.50 -7.90
CA THR A 89 -7.26 -0.84 -7.56
C THR A 89 -8.40 -1.59 -8.22
N GLY A 90 -9.63 -1.28 -7.82
CA GLY A 90 -10.78 -1.92 -8.44
C GLY A 90 -11.68 -2.66 -7.45
N PRO A 91 -12.63 -3.45 -7.93
CA PRO A 91 -13.53 -4.20 -7.05
C PRO A 91 -12.82 -5.33 -6.29
N LEU A 92 -13.46 -5.81 -5.24
CA LEU A 92 -12.92 -6.91 -4.43
C LEU A 92 -12.84 -8.16 -5.28
N GLY A 93 -11.88 -9.04 -4.99
CA GLY A 93 -11.76 -10.27 -5.74
C GLY A 93 -10.39 -10.74 -6.17
N ALA A 94 -9.35 -9.97 -5.87
CA ALA A 94 -8.00 -10.37 -6.28
C ALA A 94 -7.61 -11.72 -5.69
N TYR A 95 -8.14 -12.05 -4.51
CA TYR A 95 -7.83 -13.32 -3.82
C TYR A 95 -8.50 -14.52 -4.49
N SER A 96 -8.21 -14.72 -5.76
CA SER A 96 -8.76 -15.84 -6.51
C SER A 96 -7.88 -16.08 -7.71
N GLU A 97 -8.09 -17.20 -8.40
CA GLU A 97 -7.32 -17.47 -9.60
C GLU A 97 -7.85 -16.77 -10.85
N VAL A 98 -9.10 -16.34 -10.78
CA VAL A 98 -9.73 -15.61 -11.89
C VAL A 98 -10.38 -14.36 -11.30
N HIS A 99 -10.02 -13.20 -11.81
CA HIS A 99 -10.56 -11.93 -11.32
C HIS A 99 -11.11 -11.11 -12.47
N VAL A 100 -12.34 -10.63 -12.32
CA VAL A 100 -12.99 -9.84 -13.37
C VAL A 100 -13.13 -8.40 -12.84
N LEU A 101 -12.60 -7.44 -13.59
CA LEU A 101 -12.66 -6.04 -13.17
C LEU A 101 -12.70 -5.08 -14.36
N PRO A 102 -13.10 -3.82 -14.13
CA PRO A 102 -13.15 -2.85 -15.24
C PRO A 102 -11.78 -2.70 -15.87
N GLU A 103 -11.76 -2.32 -17.15
CA GLU A 103 -10.50 -2.16 -17.85
C GLU A 103 -9.72 -0.93 -17.29
N ALA A 104 -10.44 0.04 -16.75
CA ALA A 104 -9.83 1.25 -16.23
C ALA A 104 -8.87 1.01 -15.05
N ASN A 105 -8.98 -0.15 -14.40
CA ASN A 105 -8.12 -0.49 -13.28
C ASN A 105 -6.90 -1.32 -13.69
N LEU A 106 -6.80 -1.62 -14.97
CA LEU A 106 -5.74 -2.48 -15.43
C LEU A 106 -4.66 -1.72 -16.20
N VAL A 107 -3.41 -2.15 -16.02
CA VAL A 107 -2.31 -1.54 -16.75
C VAL A 107 -1.52 -2.69 -17.35
N LYS A 108 -0.83 -2.40 -18.45
CA LYS A 108 0.00 -3.38 -19.13
C LYS A 108 1.35 -3.50 -18.48
N LEU A 109 1.84 -4.72 -18.39
CA LEU A 109 3.15 -5.00 -17.82
C LEU A 109 4.23 -5.18 -18.86
N ALA A 110 5.34 -4.48 -18.71
CA ALA A 110 6.44 -4.62 -19.65
C ALA A 110 6.96 -6.03 -19.42
N ASP A 111 7.62 -6.59 -20.41
CA ASP A 111 8.17 -7.93 -20.30
C ASP A 111 9.18 -8.03 -19.16
N SER A 112 9.91 -6.95 -18.93
CA SER A 112 10.94 -6.88 -17.91
C SER A 112 10.44 -7.06 -16.47
N VAL A 113 9.14 -6.84 -16.23
CA VAL A 113 8.61 -6.96 -14.88
C VAL A 113 7.79 -8.24 -14.74
N SER A 114 8.15 -9.04 -13.73
CA SER A 114 7.48 -10.31 -13.48
C SER A 114 6.16 -10.12 -12.73
N PHE A 115 5.30 -11.15 -12.75
CA PHE A 115 4.02 -11.09 -12.06
C PHE A 115 4.24 -10.96 -10.54
N GLU A 116 5.26 -11.63 -10.03
CA GLU A 116 5.59 -11.59 -8.61
C GLU A 116 6.00 -10.18 -8.19
N GLN A 117 6.83 -9.54 -9.02
CA GLN A 117 7.25 -8.17 -8.73
C GLN A 117 6.06 -7.21 -8.72
N ALA A 118 5.18 -7.39 -9.72
CA ALA A 118 3.99 -6.55 -9.82
C ALA A 118 3.05 -6.72 -8.64
N ALA A 119 2.88 -7.96 -8.18
CA ALA A 119 1.98 -8.23 -7.06
C ALA A 119 2.55 -7.68 -5.78
N ALA A 120 3.87 -7.49 -5.76
CA ALA A 120 4.54 -6.93 -4.60
C ALA A 120 5.11 -5.56 -4.93
N LEU A 121 4.38 -4.79 -5.72
CA LEU A 121 4.84 -3.47 -6.14
C LEU A 121 3.71 -2.52 -6.51
N MET A 122 2.64 -3.07 -7.08
CA MET A 122 1.51 -2.28 -7.55
C MET A 122 0.92 -1.33 -6.50
N LEU A 123 0.20 -1.90 -5.53
CA LEU A 123 -0.55 -1.09 -4.59
C LEU A 123 0.32 -0.21 -3.68
N LYS A 124 1.33 -0.81 -3.06
CA LYS A 124 2.19 -0.04 -2.16
C LYS A 124 2.95 0.99 -2.99
N GLY A 125 3.39 0.57 -4.18
CA GLY A 125 4.14 1.48 -5.04
C GLY A 125 3.37 2.71 -5.49
N LEU A 126 2.15 2.48 -5.94
CA LEU A 126 1.33 3.58 -6.39
C LEU A 126 1.03 4.47 -5.18
N THR A 127 0.87 3.86 -4.02
CA THR A 127 0.63 4.59 -2.79
C THR A 127 1.76 5.52 -2.42
N VAL A 128 2.97 5.01 -2.43
CA VAL A 128 4.15 5.79 -2.08
C VAL A 128 4.24 6.89 -3.14
N GLN A 129 3.94 6.53 -4.38
CA GLN A 129 4.02 7.50 -5.45
C GLN A 129 3.10 8.70 -5.20
N TYR A 130 1.83 8.49 -4.87
CA TYR A 130 0.94 9.63 -4.64
C TYR A 130 1.31 10.37 -3.35
N LEU A 131 1.77 9.63 -2.36
CA LEU A 131 2.21 10.24 -1.10
C LEU A 131 3.37 11.20 -1.21
N LEU A 132 4.41 10.78 -1.94
CA LEU A 132 5.62 11.58 -2.08
C LEU A 132 5.61 12.52 -3.28
N ARG A 133 4.72 12.27 -4.25
CA ARG A 133 4.69 13.11 -5.44
C ARG A 133 3.45 13.99 -5.55
N GLN A 134 2.33 13.54 -4.97
CA GLN A 134 1.10 14.31 -5.09
C GLN A 134 0.55 14.92 -3.79
N THR A 135 0.36 14.11 -2.77
CA THR A 135 -0.23 14.60 -1.52
C THR A 135 0.68 15.72 -0.99
N TYR A 136 1.99 15.53 -1.13
CA TYR A 136 2.96 16.54 -0.78
C TYR A 136 4.18 16.31 -1.69
N GLN A 137 4.61 17.34 -2.42
CA GLN A 137 5.75 17.19 -3.32
C GLN A 137 7.07 17.29 -2.58
N VAL A 138 7.62 16.14 -2.18
CA VAL A 138 8.87 16.19 -1.44
C VAL A 138 9.97 16.64 -2.38
N LYS A 139 10.69 17.66 -1.95
CA LYS A 139 11.84 18.20 -2.65
C LYS A 139 13.13 17.64 -2.12
N PRO A 140 14.20 17.65 -2.91
CA PRO A 140 15.49 17.15 -2.42
C PRO A 140 15.93 17.97 -1.22
N GLY A 141 16.54 17.32 -0.25
CA GLY A 141 17.00 18.00 0.96
C GLY A 141 16.01 18.00 2.10
N GLU A 142 14.72 18.00 1.79
CA GLU A 142 13.71 18.02 2.84
C GLU A 142 13.80 16.83 3.78
N ILE A 143 13.60 17.10 5.08
CA ILE A 143 13.64 16.05 6.09
C ILE A 143 12.18 15.72 6.40
N ILE A 144 11.78 14.48 6.11
CA ILE A 144 10.40 14.04 6.31
C ILE A 144 10.33 12.85 7.27
N LEU A 145 9.21 12.74 7.97
CA LEU A 145 9.01 11.65 8.91
C LEU A 145 8.08 10.61 8.29
N PHE A 146 8.45 9.34 8.40
CA PHE A 146 7.64 8.27 7.85
C PHE A 146 7.59 7.12 8.85
N HIS A 147 6.41 6.88 9.41
CA HIS A 147 6.19 5.82 10.41
C HIS A 147 6.26 4.42 9.79
N ALA A 148 6.67 3.43 10.58
CA ALA A 148 6.74 2.06 10.11
C ALA A 148 7.54 1.99 8.82
N ALA A 149 8.74 2.56 8.84
CA ALA A 149 9.58 2.63 7.66
C ALA A 149 10.06 1.27 7.11
N ALA A 150 9.99 0.24 7.92
CA ALA A 150 10.42 -1.08 7.47
C ALA A 150 9.28 -1.95 6.94
N GLY A 151 8.06 -1.40 6.95
CA GLY A 151 6.91 -2.16 6.46
C GLY A 151 6.75 -2.18 4.96
N GLY A 152 5.62 -2.72 4.49
CA GLY A 152 5.42 -2.84 3.06
C GLY A 152 5.49 -1.51 2.34
N VAL A 153 4.75 -0.51 2.80
CA VAL A 153 4.80 0.82 2.22
C VAL A 153 6.07 1.59 2.60
N GLY A 154 6.41 1.54 3.88
CA GLY A 154 7.58 2.27 4.36
C GLY A 154 8.86 1.87 3.66
N SER A 155 9.05 0.57 3.40
CA SER A 155 10.26 0.11 2.73
C SER A 155 10.39 0.74 1.34
N LEU A 156 9.28 0.80 0.61
CA LEU A 156 9.26 1.40 -0.71
C LEU A 156 9.52 2.89 -0.55
N ALA A 157 8.94 3.47 0.50
CA ALA A 157 9.10 4.89 0.82
C ALA A 157 10.57 5.21 1.07
N CYS A 158 11.26 4.31 1.76
CA CYS A 158 12.68 4.54 2.05
C CYS A 158 13.46 4.68 0.75
N GLN A 159 13.15 3.83 -0.22
CA GLN A 159 13.84 3.86 -1.49
C GLN A 159 13.53 5.05 -2.36
N TRP A 160 12.25 5.42 -2.42
CA TRP A 160 11.79 6.52 -3.26
C TRP A 160 12.31 7.83 -2.68
N ALA A 161 12.33 7.93 -1.36
CA ALA A 161 12.82 9.13 -0.69
C ALA A 161 14.29 9.34 -1.04
N LYS A 162 15.05 8.26 -0.99
CA LYS A 162 16.47 8.33 -1.30
C LYS A 162 16.64 8.81 -2.74
N ALA A 163 15.83 8.27 -3.65
CA ALA A 163 15.90 8.65 -5.06
C ALA A 163 15.56 10.13 -5.22
N LEU A 164 14.60 10.60 -4.42
CA LEU A 164 14.19 12.00 -4.46
C LEU A 164 15.25 12.92 -3.90
N GLY A 165 16.21 12.35 -3.17
CA GLY A 165 17.26 13.16 -2.59
C GLY A 165 16.71 13.81 -1.34
N ALA A 166 15.78 13.12 -0.70
CA ALA A 166 15.16 13.62 0.51
C ALA A 166 15.71 12.88 1.73
N LYS A 167 15.59 13.50 2.90
CA LYS A 167 16.09 12.86 4.12
C LYS A 167 14.89 12.32 4.90
N LEU A 168 14.66 11.02 4.75
CA LEU A 168 13.55 10.36 5.40
C LEU A 168 13.88 9.80 6.77
N ILE A 169 13.10 10.19 7.78
CA ILE A 169 13.33 9.68 9.12
C ILE A 169 12.26 8.59 9.30
N GLY A 170 12.70 7.34 9.38
CA GLY A 170 11.75 6.25 9.53
C GLY A 170 11.67 5.65 10.91
N THR A 171 10.44 5.45 11.42
CA THR A 171 10.28 4.86 12.73
C THR A 171 10.13 3.35 12.56
N VAL A 172 10.75 2.61 13.47
CA VAL A 172 10.71 1.15 13.47
C VAL A 172 10.56 0.68 14.91
N SER A 173 10.22 -0.59 15.07
CA SER A 173 10.06 -1.17 16.40
C SER A 173 11.21 -2.07 16.86
N SER A 174 12.27 -2.13 16.07
CA SER A 174 13.41 -2.98 16.43
C SER A 174 14.68 -2.62 15.66
N PRO A 175 15.84 -2.98 16.21
CA PRO A 175 17.11 -2.69 15.54
C PRO A 175 17.21 -3.41 14.18
N GLU A 176 16.54 -4.54 14.04
CA GLU A 176 16.57 -5.27 12.78
C GLU A 176 15.83 -4.50 11.69
N LYS A 177 14.70 -3.93 12.06
CA LYS A 177 13.91 -3.12 11.14
C LYS A 177 14.68 -1.86 10.79
N ALA A 178 15.43 -1.35 11.76
CA ALA A 178 16.23 -0.15 11.53
C ALA A 178 17.25 -0.39 10.42
N ALA A 179 18.00 -1.48 10.54
CA ALA A 179 19.02 -1.81 9.54
C ALA A 179 18.34 -2.02 8.19
N HIS A 180 17.19 -2.67 8.21
CA HIS A 180 16.44 -2.91 6.98
C HIS A 180 16.07 -1.59 6.29
N ALA A 181 15.47 -0.69 7.05
CA ALA A 181 15.04 0.60 6.51
C ALA A 181 16.23 1.44 6.05
N LYS A 182 17.32 1.44 6.81
CA LYS A 182 18.50 2.22 6.41
C LYS A 182 19.17 1.71 5.17
N ALA A 183 19.26 0.40 5.04
CA ALA A 183 19.88 -0.20 3.87
C ALA A 183 19.10 0.17 2.60
N LEU A 184 17.78 0.29 2.75
CA LEU A 184 16.92 0.68 1.64
C LEU A 184 17.08 2.12 1.22
N GLY A 185 17.43 2.98 2.17
CA GLY A 185 17.60 4.39 1.85
C GLY A 185 17.19 5.39 2.91
N ALA A 186 16.69 4.92 4.05
CA ALA A 186 16.32 5.85 5.12
C ALA A 186 17.53 6.64 5.57
N TRP A 187 17.40 7.97 5.61
CA TRP A 187 18.46 8.83 6.09
C TRP A 187 18.82 8.57 7.54
N GLU A 188 17.78 8.53 8.37
CA GLU A 188 17.97 8.30 9.78
C GLU A 188 16.86 7.38 10.26
N THR A 189 17.11 6.65 11.33
CA THR A 189 16.12 5.71 11.84
C THR A 189 15.87 5.88 13.33
N ILE A 190 14.62 5.71 13.75
CA ILE A 190 14.29 5.84 15.17
C ILE A 190 13.48 4.62 15.65
N ASP A 191 14.03 3.91 16.65
CA ASP A 191 13.37 2.75 17.22
C ASP A 191 12.52 3.30 18.34
N TYR A 192 11.21 3.29 18.16
CA TYR A 192 10.32 3.82 19.16
C TYR A 192 10.17 2.94 20.40
N SER A 193 11.07 1.98 20.56
CA SER A 193 11.07 1.10 21.72
C SER A 193 11.78 1.69 22.92
N HIS A 194 12.88 2.39 22.64
CA HIS A 194 13.65 2.97 23.73
C HIS A 194 13.98 4.46 23.54
N GLU A 195 13.36 5.10 22.55
CA GLU A 195 13.56 6.53 22.35
C GLU A 195 12.31 7.21 21.82
N ASP A 196 12.12 8.45 22.25
CA ASP A 196 10.94 9.22 21.88
C ASP A 196 11.08 9.80 20.47
N VAL A 197 10.19 9.38 19.59
CA VAL A 197 10.20 9.78 18.19
C VAL A 197 10.08 11.30 18.10
N ALA A 198 9.16 11.89 18.88
CA ALA A 198 8.98 13.33 18.83
C ALA A 198 10.26 14.09 19.19
N LYS A 199 10.92 13.67 20.27
CA LYS A 199 12.15 14.31 20.71
C LYS A 199 13.34 14.10 19.77
N ARG A 200 13.46 12.89 19.23
CA ARG A 200 14.52 12.60 18.27
C ARG A 200 14.35 13.41 17.02
N VAL A 201 13.09 13.63 16.64
CA VAL A 201 12.80 14.44 15.46
C VAL A 201 13.29 15.85 15.69
N LEU A 202 13.08 16.36 16.89
CA LEU A 202 13.46 17.72 17.22
C LEU A 202 14.97 17.92 17.06
N GLU A 203 15.78 17.01 17.61
CA GLU A 203 17.23 17.15 17.46
C GLU A 203 17.75 16.89 16.06
N LEU A 204 17.12 15.98 15.34
CA LEU A 204 17.54 15.66 13.99
C LEU A 204 17.27 16.83 13.06
N THR A 205 16.20 17.58 13.33
CA THR A 205 15.81 18.72 12.50
C THR A 205 16.30 20.09 13.00
N ASP A 206 17.10 20.08 14.08
CA ASP A 206 17.62 21.28 14.70
C ASP A 206 16.50 22.20 15.18
N GLY A 207 15.47 21.61 15.76
CA GLY A 207 14.36 22.37 16.29
C GLY A 207 13.33 22.86 15.28
N LYS A 208 13.49 22.49 14.02
CA LYS A 208 12.56 22.93 12.98
C LYS A 208 11.46 21.93 12.66
N LYS A 209 11.62 20.69 13.10
CA LYS A 209 10.68 19.61 12.85
C LYS A 209 10.50 19.28 11.36
N CYS A 210 9.49 18.48 11.01
CA CYS A 210 9.27 18.06 9.64
C CYS A 210 8.17 18.77 8.87
N PRO A 211 8.44 19.17 7.61
CA PRO A 211 7.47 19.86 6.75
C PRO A 211 6.24 18.97 6.57
N VAL A 212 6.47 17.67 6.51
CA VAL A 212 5.42 16.69 6.35
C VAL A 212 5.73 15.41 7.12
N VAL A 213 4.70 14.83 7.71
CA VAL A 213 4.81 13.58 8.44
C VAL A 213 3.87 12.60 7.77
N TYR A 214 4.41 11.46 7.33
CA TYR A 214 3.60 10.44 6.70
C TYR A 214 3.32 9.41 7.81
N ASP A 215 2.03 9.19 8.10
CA ASP A 215 1.62 8.28 9.16
C ASP A 215 0.56 7.29 8.73
N GLY A 216 0.94 6.03 8.58
CA GLY A 216 -0.01 5.00 8.18
C GLY A 216 -0.45 4.08 9.31
N VAL A 217 0.08 4.30 10.51
CA VAL A 217 -0.30 3.46 11.64
C VAL A 217 -1.60 3.84 12.34
N GLY A 218 -1.94 5.12 12.28
CA GLY A 218 -3.21 5.61 12.78
C GLY A 218 -3.19 6.13 14.20
N GLN A 219 -4.07 5.58 15.03
CA GLN A 219 -4.27 6.05 16.40
C GLN A 219 -2.98 6.12 17.22
N ASP A 220 -2.38 4.97 17.50
CA ASP A 220 -1.27 4.91 18.41
C ASP A 220 -0.26 6.04 18.17
N THR A 221 -0.10 6.45 16.92
CA THR A 221 0.94 7.41 16.55
C THR A 221 0.42 8.76 16.06
N TRP A 222 -0.85 9.05 16.30
CA TRP A 222 -1.42 10.34 15.93
C TRP A 222 -0.81 11.50 16.72
N LEU A 223 -0.69 11.33 18.03
CA LEU A 223 -0.12 12.38 18.87
C LEU A 223 1.34 12.66 18.50
N THR A 224 2.11 11.60 18.25
CA THR A 224 3.50 11.73 17.91
C THR A 224 3.68 12.50 16.62
N SER A 225 2.82 12.21 15.65
CA SER A 225 2.88 12.93 14.39
C SER A 225 2.63 14.43 14.56
N LEU A 226 1.67 14.77 15.42
CA LEU A 226 1.34 16.16 15.68
C LEU A 226 2.51 16.87 16.35
N ASP A 227 3.28 16.14 17.15
CA ASP A 227 4.45 16.70 17.82
C ASP A 227 5.70 16.68 16.97
N SER A 228 5.62 16.06 15.80
CA SER A 228 6.78 15.99 14.92
C SER A 228 6.69 16.86 13.67
N VAL A 229 5.52 17.41 13.41
CA VAL A 229 5.33 18.23 12.22
C VAL A 229 5.64 19.70 12.51
N ALA A 230 6.30 20.35 11.57
CA ALA A 230 6.66 21.76 11.71
C ALA A 230 5.42 22.64 11.64
N PRO A 231 5.49 23.87 12.21
CA PRO A 231 4.33 24.76 12.18
C PRO A 231 3.81 24.87 10.75
N ARG A 232 2.50 24.85 10.60
CA ARG A 232 1.85 24.93 9.30
C ARG A 232 2.27 23.79 8.37
N GLY A 233 2.75 22.70 8.96
CA GLY A 233 3.15 21.54 8.19
C GLY A 233 1.96 20.63 7.93
N LEU A 234 2.21 19.51 7.26
CA LEU A 234 1.15 18.55 6.93
C LEU A 234 1.36 17.19 7.53
N VAL A 235 0.30 16.65 8.09
CA VAL A 235 0.31 15.30 8.63
C VAL A 235 -0.56 14.51 7.68
N VAL A 236 0.02 13.45 7.11
CA VAL A 236 -0.74 12.63 6.19
C VAL A 236 -1.06 11.32 6.91
N SER A 237 -2.32 11.15 7.25
CA SER A 237 -2.77 9.92 7.92
C SER A 237 -3.33 9.05 6.79
N PHE A 238 -2.55 8.07 6.33
CA PHE A 238 -3.00 7.21 5.23
C PHE A 238 -3.32 5.76 5.58
N GLY A 239 -3.23 5.40 6.86
CA GLY A 239 -3.51 4.02 7.23
C GLY A 239 -4.06 3.87 8.64
N ASN A 240 -4.46 2.64 9.00
CA ASN A 240 -5.03 2.35 10.33
C ASN A 240 -4.45 1.10 10.98
N ALA A 241 -3.15 0.85 10.79
CA ALA A 241 -2.55 -0.37 11.36
C ALA A 241 -2.88 -0.59 12.83
N SER A 242 -2.86 0.47 13.65
CA SER A 242 -3.16 0.34 15.07
C SER A 242 -4.60 0.76 15.33
N GLY A 243 -5.35 1.00 14.27
CA GLY A 243 -6.73 1.41 14.42
C GLY A 243 -6.91 2.80 13.86
N PRO A 244 -8.08 3.12 13.29
CA PRO A 244 -8.30 4.47 12.75
C PRO A 244 -8.14 5.53 13.83
N VAL A 245 -7.98 6.79 13.42
CA VAL A 245 -7.82 7.89 14.36
C VAL A 245 -9.10 8.69 14.35
N SER A 246 -9.63 8.95 15.54
CA SER A 246 -10.89 9.67 15.68
C SER A 246 -11.02 10.42 16.98
N GLY A 247 -12.18 11.07 17.15
CA GLY A 247 -12.43 11.80 18.37
C GLY A 247 -11.55 13.04 18.41
N VAL A 248 -11.11 13.49 17.25
CA VAL A 248 -10.21 14.64 17.17
C VAL A 248 -10.95 15.97 17.15
N ASN A 249 -10.38 16.94 17.85
CA ASN A 249 -10.95 18.28 17.92
C ASN A 249 -10.08 19.13 16.99
N LEU A 250 -10.71 19.84 16.05
CA LEU A 250 -9.93 20.63 15.11
C LEU A 250 -9.03 21.60 15.87
N GLY A 251 -9.48 22.08 17.02
CA GLY A 251 -8.66 22.98 17.82
C GLY A 251 -7.28 22.41 18.11
N ILE A 252 -7.14 21.09 17.95
CA ILE A 252 -5.87 20.42 18.19
C ILE A 252 -4.83 20.94 17.18
N LEU A 253 -5.28 21.22 15.95
CA LEU A 253 -4.41 21.68 14.87
C LEU A 253 -3.86 23.08 15.20
N ALA A 254 -4.71 23.94 15.77
CA ALA A 254 -4.27 25.27 16.15
C ALA A 254 -3.23 25.19 17.27
N GLN A 255 -3.50 24.32 18.23
CA GLN A 255 -2.64 24.12 19.39
C GLN A 255 -1.25 23.69 18.92
N LYS A 256 -1.21 22.84 17.88
CA LYS A 256 0.05 22.35 17.36
C LYS A 256 0.72 23.32 16.40
N ASP A 257 0.30 24.58 16.46
CA ASP A 257 0.85 25.67 15.65
C ASP A 257 0.32 25.69 14.20
N SER A 258 -1.00 25.65 14.08
CA SER A 258 -1.65 25.74 12.79
C SER A 258 -1.21 24.71 11.76
N VAL A 259 -1.31 23.44 12.10
CA VAL A 259 -0.91 22.37 11.19
C VAL A 259 -2.06 21.93 10.30
N TYR A 260 -1.71 21.23 9.23
CA TYR A 260 -2.69 20.73 8.27
C TYR A 260 -2.73 19.21 8.37
N VAL A 261 -3.89 18.62 8.10
CA VAL A 261 -3.99 17.16 8.13
C VAL A 261 -4.87 16.67 6.98
N THR A 262 -4.54 15.50 6.43
CA THR A 262 -5.34 14.92 5.37
C THR A 262 -5.35 13.41 5.52
N ARG A 263 -6.41 12.77 5.04
CA ARG A 263 -6.56 11.32 5.11
C ARG A 263 -6.88 10.88 3.69
N PRO A 264 -5.85 10.67 2.87
CA PRO A 264 -6.03 10.27 1.48
C PRO A 264 -6.24 8.76 1.27
N THR A 265 -6.74 8.42 0.09
CA THR A 265 -6.93 7.03 -0.31
C THR A 265 -6.41 6.93 -1.74
N LEU A 266 -5.87 5.76 -2.08
CA LEU A 266 -5.28 5.54 -3.39
C LEU A 266 -6.41 5.76 -4.42
N GLY A 267 -7.62 5.32 -4.08
CA GLY A 267 -8.73 5.48 -5.01
C GLY A 267 -8.94 6.91 -5.46
N SER A 268 -8.75 7.86 -4.56
CA SER A 268 -8.88 9.27 -4.87
C SER A 268 -7.82 9.79 -5.83
N TYR A 269 -6.58 9.35 -5.63
CA TYR A 269 -5.48 9.75 -6.49
C TYR A 269 -5.43 9.12 -7.87
N ALA A 270 -5.79 7.85 -7.91
CA ALA A 270 -5.80 7.10 -9.16
C ALA A 270 -7.26 7.06 -9.58
N ASN A 271 -7.99 8.12 -9.22
CA ASN A 271 -9.43 8.21 -9.47
C ASN A 271 -9.91 7.73 -10.83
N ASN A 272 -9.08 7.79 -11.87
CA ASN A 272 -9.50 7.35 -13.22
C ASN A 272 -8.62 6.27 -13.89
N ALA A 273 -9.11 5.72 -14.99
CA ALA A 273 -8.33 4.74 -15.70
C ALA A 273 -7.22 5.50 -16.41
N GLN A 274 -6.85 6.66 -15.88
CA GLN A 274 -5.90 7.46 -16.64
C GLN A 274 -4.96 8.28 -15.76
N ASN A 275 -5.49 8.72 -14.61
CA ASN A 275 -4.66 9.34 -13.59
C ASN A 275 -3.82 8.24 -12.95
N LEU A 276 -4.16 7.00 -13.31
CA LEU A 276 -3.43 5.83 -12.83
C LEU A 276 -2.30 5.49 -13.80
N GLN A 277 -2.62 5.37 -15.08
CA GLN A 277 -1.59 5.09 -16.09
C GLN A 277 -0.41 6.00 -15.78
N THR A 278 -0.72 7.25 -15.45
CA THR A 278 0.32 8.23 -15.18
C THR A 278 1.21 7.85 -14.01
N MET A 279 0.62 7.54 -12.87
CA MET A 279 1.40 7.14 -11.71
C MET A 279 2.01 5.75 -11.87
N ALA A 280 1.31 4.90 -12.62
CA ALA A 280 1.80 3.55 -12.86
C ALA A 280 3.08 3.63 -13.70
N ASP A 281 3.04 4.51 -14.71
CA ASP A 281 4.19 4.67 -15.56
C ASP A 281 5.41 5.16 -14.77
N GLU A 282 5.18 6.08 -13.85
CA GLU A 282 6.28 6.62 -13.03
C GLU A 282 6.81 5.52 -12.13
N LEU A 283 5.89 4.72 -11.55
CA LEU A 283 6.27 3.65 -10.66
C LEU A 283 7.19 2.64 -11.32
N PHE A 284 6.81 2.20 -12.51
CA PHE A 284 7.62 1.25 -13.26
C PHE A 284 8.91 1.89 -13.78
N ASP A 285 8.86 3.19 -14.00
CA ASP A 285 10.03 3.92 -14.45
C ASP A 285 11.06 3.90 -13.35
N MET A 286 10.57 3.93 -12.11
CA MET A 286 11.46 3.87 -10.98
C MET A 286 12.09 2.49 -10.89
N LEU A 287 11.28 1.48 -11.13
CA LEU A 287 11.75 0.10 -11.09
C LEU A 287 12.79 -0.17 -12.15
N ALA A 288 12.48 0.25 -13.37
CA ALA A 288 13.36 0.00 -14.51
C ALA A 288 14.74 0.61 -14.28
N SER A 289 14.78 1.85 -13.81
CA SER A 289 16.02 2.55 -13.55
C SER A 289 16.80 2.04 -12.34
N GLY A 290 16.28 1.01 -11.68
CA GLY A 290 16.97 0.46 -10.53
C GLY A 290 16.78 1.25 -9.24
N LYS A 291 15.97 2.30 -9.28
CA LYS A 291 15.72 3.13 -8.10
C LYS A 291 14.86 2.40 -7.06
N LEU A 292 14.05 1.47 -7.55
CA LEU A 292 13.23 0.64 -6.67
C LEU A 292 13.63 -0.81 -6.89
N LYS A 293 13.90 -1.50 -5.79
CA LYS A 293 14.28 -2.89 -5.86
C LYS A 293 13.35 -3.75 -5.06
N VAL A 294 12.96 -4.89 -5.66
CA VAL A 294 12.10 -5.84 -4.96
C VAL A 294 12.92 -7.13 -5.01
N ASP A 295 13.64 -7.41 -3.92
CA ASP A 295 14.43 -8.62 -3.89
C ASP A 295 14.06 -9.39 -2.63
N GLY A 296 13.66 -10.63 -2.84
CA GLY A 296 13.27 -11.46 -1.72
C GLY A 296 11.78 -11.32 -1.55
N ILE A 297 11.05 -12.29 -2.07
CA ILE A 297 9.61 -12.25 -1.96
C ILE A 297 9.15 -13.52 -1.26
N GLU A 298 8.49 -13.38 -0.13
CA GLU A 298 7.95 -14.53 0.57
C GLU A 298 6.66 -14.89 -0.15
N GLN A 299 6.46 -16.17 -0.41
CA GLN A 299 5.25 -16.61 -1.09
C GLN A 299 4.34 -17.52 -0.29
N TYR A 300 3.07 -17.11 -0.19
CA TYR A 300 2.05 -17.88 0.49
C TYR A 300 1.10 -18.39 -0.57
N ALA A 301 0.64 -19.62 -0.42
CA ALA A 301 -0.32 -20.16 -1.38
C ALA A 301 -1.60 -19.40 -1.07
N LEU A 302 -2.44 -19.23 -2.07
CA LEU A 302 -3.71 -18.52 -1.90
C LEU A 302 -4.52 -19.18 -0.80
N LYS A 303 -4.54 -20.50 -0.79
CA LYS A 303 -5.32 -21.23 0.21
C LYS A 303 -4.87 -20.94 1.64
N ASP A 304 -3.71 -20.30 1.81
CA ASP A 304 -3.17 -19.99 3.14
C ASP A 304 -3.21 -18.50 3.45
N ALA A 305 -4.17 -17.80 2.86
CA ALA A 305 -4.26 -16.35 3.01
C ALA A 305 -4.44 -15.94 4.48
N ALA A 306 -5.18 -16.74 5.25
CA ALA A 306 -5.36 -16.42 6.66
C ALA A 306 -4.03 -16.37 7.39
N LYS A 307 -3.18 -17.35 7.11
CA LYS A 307 -1.89 -17.46 7.77
C LYS A 307 -1.04 -16.23 7.39
N ALA A 308 -1.05 -15.90 6.10
CA ALA A 308 -0.30 -14.75 5.60
C ALA A 308 -0.81 -13.44 6.20
N GLN A 309 -2.12 -13.33 6.26
CA GLN A 309 -2.80 -12.14 6.75
C GLN A 309 -2.43 -11.96 8.22
N ILE A 310 -2.36 -13.08 8.97
CA ILE A 310 -2.00 -13.01 10.39
C ILE A 310 -0.58 -12.44 10.56
N GLU A 311 0.33 -12.83 9.69
CA GLU A 311 1.71 -12.37 9.77
C GLU A 311 1.78 -10.86 9.42
N LEU A 312 1.02 -10.44 8.42
CA LEU A 312 0.99 -9.03 8.05
C LEU A 312 0.53 -8.18 9.23
N SER A 313 -0.57 -8.58 9.83
CA SER A 313 -1.12 -7.87 10.97
C SER A 313 -0.16 -7.84 12.14
N ALA A 314 0.50 -8.98 12.36
CA ALA A 314 1.44 -9.09 13.47
C ALA A 314 2.54 -8.06 13.30
N ARG A 315 2.90 -7.78 12.05
CA ARG A 315 3.93 -6.79 11.76
C ARG A 315 5.26 -7.14 12.38
N ARG A 316 5.66 -8.40 12.25
CA ARG A 316 6.93 -8.85 12.77
C ARG A 316 7.88 -9.31 11.68
N THR A 317 7.31 -9.49 10.49
CA THR A 317 8.08 -9.93 9.34
C THR A 317 8.48 -8.72 8.49
N THR A 318 9.52 -8.88 7.69
CA THR A 318 10.02 -7.83 6.82
C THR A 318 10.26 -8.32 5.39
N GLY A 319 10.11 -7.43 4.42
CA GLY A 319 10.32 -7.82 3.02
C GLY A 319 9.00 -8.05 2.31
N SER A 320 9.03 -8.01 0.98
CA SER A 320 7.84 -8.23 0.16
C SER A 320 7.18 -9.58 0.33
N THR A 321 5.85 -9.61 0.34
CA THR A 321 5.09 -10.84 0.47
C THR A 321 3.95 -10.85 -0.55
N ILE A 322 3.68 -12.00 -1.17
CA ILE A 322 2.59 -12.15 -2.13
C ILE A 322 1.85 -13.47 -1.97
N LEU A 323 0.67 -13.58 -2.56
CA LEU A 323 -0.10 -14.81 -2.52
C LEU A 323 0.01 -15.42 -3.94
N ILE A 324 0.06 -16.74 -4.01
CA ILE A 324 0.18 -17.42 -5.28
C ILE A 324 -0.98 -18.37 -5.52
N PRO A 325 -1.79 -18.11 -6.56
CA PRO A 325 -2.92 -19.00 -6.83
C PRO A 325 -2.42 -20.37 -7.27
#